data_7IB7
#
_entry.id   7IB7
#
_cell.length_a   42.930
_cell.length_b   42.930
_cell.length_c   216.020
_cell.angle_alpha   90.00
_cell.angle_beta   90.00
_cell.angle_gamma   90.00
#
_symmetry.space_group_name_H-M   'P 43 2 2'
#
loop_
_entity.id
_entity.type
_entity.pdbx_description
1 polymer 'NS2B co-factor'
2 polymer 'NS3 protease'
3 non-polymer 4-methoxy-2,3-dihydro-1H-isoindole
4 water water
#
loop_
_entity_poly.entity_id
_entity_poly.type
_entity_poly.pdbx_seq_one_letter_code
_entity_poly.pdbx_strand_id
1 'polypeptide(L)' MTGKSVDMYIERAGDITWEKDAEVTGNSPRLDVALDESGDFSLVEEDGPPMRE A
2 'polypeptide(L)'
;GALWDVPAPKEVKKGETTDGVYRVMTRRLLGSTQVGVGVMQEGVFHTMWHVTKGAALRSGEGRLDPYWGDVKQDLVSYCG
PWKLDAAWDGLSEVQLLAVPPGERAKNIQTLPGIFKTKDGDIGAVALDYPAGTSGSPILDKSGRVIGLYGNGVVIKNGSY
VSAITQGKREEETPVE
;
B
#
# COMPACT_ATOMS: atom_id res chain seq x y z
N ASP A 7 12.12 -17.25 0.44
CA ASP A 7 10.76 -17.69 0.72
C ASP A 7 10.06 -16.74 1.72
N MET A 8 9.00 -16.09 1.27
CA MET A 8 8.39 -15.05 2.08
C MET A 8 7.19 -15.60 2.84
N TYR A 9 6.89 -14.95 3.97
CA TYR A 9 5.78 -15.34 4.81
C TYR A 9 5.10 -14.10 5.37
N ILE A 10 3.86 -14.28 5.79
CA ILE A 10 3.09 -13.16 6.32
C ILE A 10 2.76 -13.35 7.80
N GLU A 11 2.67 -12.22 8.51
CA GLU A 11 2.43 -12.19 9.94
C GLU A 11 1.39 -11.10 10.21
N ARG A 12 0.30 -11.46 10.89
CA ARG A 12 -0.73 -10.46 11.17
C ARG A 12 -0.20 -9.35 12.08
N ALA A 13 -0.58 -8.10 11.76
CA ALA A 13 -0.19 -6.94 12.56
C ALA A 13 -1.34 -6.14 13.14
N GLY A 14 -2.56 -6.33 12.68
CA GLY A 14 -3.69 -5.67 13.30
C GLY A 14 -4.93 -5.69 12.44
N ASP A 15 -5.99 -5.09 13.01
CA ASP A 15 -7.24 -4.83 12.31
C ASP A 15 -7.07 -3.59 11.45
N ILE A 16 -7.91 -3.48 10.43
CA ILE A 16 -7.93 -2.29 9.57
C ILE A 16 -9.08 -1.42 10.04
N THR A 17 -8.75 -0.37 10.79
CA THR A 17 -9.74 0.51 11.38
C THR A 17 -9.24 1.94 11.37
N TRP A 18 -10.18 2.87 11.26
CA TRP A 18 -9.90 4.30 11.44
C TRP A 18 -9.68 4.61 12.92
N GLU A 19 -8.65 5.40 13.23
CA GLU A 19 -8.38 5.78 14.61
C GLU A 19 -8.82 7.23 14.87
N LYS A 20 -9.73 7.40 15.84
CA LYS A 20 -10.42 8.68 15.97
C LYS A 20 -9.46 9.82 16.29
N ASP A 21 -8.44 9.58 17.11
CA ASP A 21 -7.57 10.71 17.46
C ASP A 21 -6.17 10.50 16.94
N ALA A 22 -6.06 10.07 15.69
CA ALA A 22 -4.77 9.88 15.06
C ALA A 22 -4.04 11.20 14.93
N GLU A 23 -2.72 11.13 14.89
CA GLU A 23 -1.92 12.29 14.53
C GLU A 23 -2.19 12.70 13.10
N VAL A 24 -2.16 14.00 12.85
CA VAL A 24 -2.45 14.58 11.53
C VAL A 24 -1.17 15.25 11.03
N THR A 25 -0.71 14.85 9.85
CA THR A 25 0.45 15.51 9.26
C THR A 25 0.47 15.29 7.76
N GLY A 26 1.45 15.91 7.12
CA GLY A 26 1.60 15.82 5.68
C GLY A 26 0.89 16.93 4.97
N ASN A 27 1.46 17.36 3.86
CA ASN A 27 0.87 18.37 3.00
C ASN A 27 0.12 17.68 1.86
N SER A 28 -0.30 18.46 0.87
CA SER A 28 -1.22 17.98 -0.17
C SER A 28 -0.76 18.46 -1.53
N PRO A 29 0.37 17.94 -2.00
CA PRO A 29 0.95 18.48 -3.23
C PRO A 29 0.14 18.08 -4.45
N ARG A 30 0.08 18.99 -5.43
CA ARG A 30 -0.55 18.75 -6.73
C ARG A 30 0.56 18.67 -7.76
N LEU A 31 0.80 17.48 -8.31
CA LEU A 31 2.00 17.17 -9.07
C LEU A 31 1.64 16.56 -10.42
N ASP A 32 2.30 17.00 -11.49
CA ASP A 32 2.23 16.34 -12.80
C ASP A 32 3.19 15.17 -12.82
N VAL A 33 2.68 13.96 -13.10
CA VAL A 33 3.53 12.78 -13.08
C VAL A 33 3.22 11.93 -14.30
N ALA A 34 4.17 11.06 -14.63
CA ALA A 34 4.05 10.08 -15.71
C ALA A 34 4.30 8.70 -15.12
N LEU A 35 3.60 7.71 -15.64
CA LEU A 35 3.72 6.33 -15.16
C LEU A 35 4.18 5.50 -16.34
N ASP A 36 5.31 4.83 -16.20
CA ASP A 36 5.88 4.10 -17.32
C ASP A 36 5.46 2.63 -17.26
N GLU A 37 5.87 1.88 -18.29
CA GLU A 37 5.45 0.49 -18.44
C GLU A 37 5.92 -0.36 -17.30
N SER A 38 7.02 0.03 -16.63
CA SER A 38 7.54 -0.67 -15.47
C SER A 38 6.85 -0.28 -14.17
N GLY A 39 5.81 0.52 -14.24
CA GLY A 39 5.10 0.89 -13.03
C GLY A 39 5.83 1.90 -12.18
N ASP A 40 6.77 2.64 -12.77
CA ASP A 40 7.50 3.68 -12.03
C ASP A 40 6.97 5.06 -12.39
N PHE A 41 6.74 5.87 -11.36
CA PHE A 41 6.30 7.24 -11.53
C PHE A 41 7.50 8.16 -11.70
N SER A 42 7.34 9.18 -12.53
CA SER A 42 8.34 10.24 -12.64
C SER A 42 7.63 11.58 -12.67
N LEU A 43 8.37 12.63 -12.32
CA LEU A 43 7.86 13.98 -12.45
C LEU A 43 7.97 14.47 -13.88
N VAL A 44 7.01 15.28 -14.28
CA VAL A 44 6.99 15.83 -15.64
C VAL A 44 7.63 17.21 -15.67
N THR B 17 -5.72 -16.55 8.14
CA THR B 17 -6.57 -16.04 7.08
C THR B 17 -7.52 -14.92 7.56
N THR B 18 -7.47 -14.57 8.84
CA THR B 18 -8.32 -13.50 9.36
C THR B 18 -8.08 -12.18 8.61
N ASP B 19 -9.16 -11.43 8.41
CA ASP B 19 -9.05 -10.09 7.85
C ASP B 19 -8.07 -9.26 8.66
N GLY B 20 -7.39 -8.35 7.97
CA GLY B 20 -6.53 -7.41 8.66
C GLY B 20 -5.30 -7.09 7.85
N VAL B 21 -4.36 -6.38 8.52
CA VAL B 21 -3.12 -5.95 7.89
C VAL B 21 -2.01 -6.88 8.37
N TYR B 22 -1.13 -7.28 7.42
CA TYR B 22 -0.07 -8.25 7.67
C TYR B 22 1.26 -7.70 7.16
N ARG B 23 2.32 -8.07 7.88
CA ARG B 23 3.68 -7.85 7.41
C ARG B 23 4.06 -8.95 6.43
N VAL B 24 4.85 -8.58 5.41
CA VAL B 24 5.45 -9.52 4.47
C VAL B 24 6.92 -9.61 4.81
N MET B 25 7.36 -10.79 5.25
CA MET B 25 8.70 -11.05 5.77
C MET B 25 9.47 -12.03 4.89
N THR B 26 10.78 -11.92 4.95
CA THR B 26 11.64 -12.93 4.38
C THR B 26 12.79 -13.23 5.34
N ARG B 27 13.24 -14.48 5.33
CA ARG B 27 14.42 -14.88 6.06
C ARG B 27 15.61 -15.18 5.15
N ARG B 28 15.49 -14.93 3.84
CA ARG B 28 16.62 -15.23 2.96
C ARG B 28 17.80 -14.30 3.21
N LEU B 29 17.61 -13.24 3.96
CA LEU B 29 18.68 -12.33 4.29
C LEU B 29 19.09 -12.53 5.76
N LEU B 30 19.94 -11.63 6.24
CA LEU B 30 20.36 -11.69 7.63
C LEU B 30 19.15 -11.50 8.54
N GLY B 31 18.96 -12.44 9.48
CA GLY B 31 17.80 -12.38 10.36
C GLY B 31 16.49 -12.48 9.61
N SER B 32 15.48 -11.79 10.12
CA SER B 32 14.18 -11.68 9.48
C SER B 32 13.97 -10.24 9.01
N THR B 33 13.56 -10.07 7.78
CA THR B 33 13.48 -8.77 7.16
C THR B 33 12.08 -8.51 6.62
N GLN B 34 11.53 -7.34 6.91
CA GLN B 34 10.21 -6.98 6.41
C GLN B 34 10.35 -6.30 5.04
N VAL B 35 9.86 -6.97 4.01
CA VAL B 35 9.90 -6.43 2.65
C VAL B 35 8.64 -5.65 2.29
N GLY B 36 7.56 -5.81 3.04
CA GLY B 36 6.37 -5.03 2.79
C GLY B 36 5.24 -5.39 3.72
N VAL B 37 4.03 -5.04 3.28
CA VAL B 37 2.81 -5.13 4.05
C VAL B 37 1.69 -5.47 3.07
N GLY B 38 0.61 -6.03 3.59
CA GLY B 38 -0.57 -6.19 2.75
C GLY B 38 -1.85 -6.36 3.54
N VAL B 39 -2.94 -6.52 2.79
CA VAL B 39 -4.31 -6.48 3.32
C VAL B 39 -4.97 -7.81 3.01
N MET B 40 -5.46 -8.49 4.06
CA MET B 40 -6.32 -9.67 3.91
C MET B 40 -7.76 -9.19 4.01
N GLN B 41 -8.55 -9.46 2.96
CA GLN B 41 -9.97 -9.12 2.97
C GLN B 41 -10.71 -10.12 2.10
N GLU B 42 -11.78 -10.70 2.62
CA GLU B 42 -12.61 -11.62 1.85
C GLU B 42 -11.79 -12.80 1.32
N GLY B 43 -10.83 -13.25 2.14
CA GLY B 43 -10.02 -14.42 1.82
C GLY B 43 -8.92 -14.18 0.81
N VAL B 44 -8.71 -12.94 0.38
CA VAL B 44 -7.72 -12.57 -0.61
C VAL B 44 -6.67 -11.67 0.05
N PHE B 45 -5.40 -11.95 -0.23
CA PHE B 45 -4.32 -11.11 0.25
C PHE B 45 -3.87 -10.17 -0.86
N HIS B 46 -3.76 -8.89 -0.53
CA HIS B 46 -3.50 -7.81 -1.47
C HIS B 46 -2.20 -7.13 -1.07
N THR B 47 -1.27 -6.99 -2.02
CA THR B 47 -0.06 -6.21 -1.74
C THR B 47 0.43 -5.55 -3.03
N MET B 48 1.58 -4.92 -2.96
CA MET B 48 2.15 -4.27 -4.15
C MET B 48 3.05 -5.27 -4.86
N TRP B 49 3.04 -5.26 -6.20
CA TRP B 49 3.83 -6.23 -6.95
CA TRP B 49 3.83 -6.21 -6.95
C TRP B 49 5.31 -6.15 -6.57
N HIS B 50 5.84 -4.93 -6.40
CA HIS B 50 7.28 -4.81 -6.13
C HIS B 50 7.68 -5.39 -4.79
N VAL B 51 6.73 -5.67 -3.89
CA VAL B 51 7.06 -6.31 -2.62
C VAL B 51 7.41 -7.78 -2.82
N THR B 52 6.56 -8.53 -3.55
CA THR B 52 6.73 -9.98 -3.69
C THR B 52 7.25 -10.41 -5.04
N LYS B 53 7.24 -9.52 -6.03
CA LYS B 53 7.57 -9.86 -7.41
C LYS B 53 6.74 -11.05 -7.92
N GLY B 54 5.55 -11.21 -7.34
CA GLY B 54 4.63 -12.26 -7.72
C GLY B 54 4.94 -13.63 -7.18
N ALA B 55 5.84 -13.76 -6.20
CA ALA B 55 6.19 -15.05 -5.66
C ALA B 55 5.12 -15.57 -4.72
N ALA B 56 5.08 -16.89 -4.57
CA ALA B 56 4.20 -17.48 -3.56
C ALA B 56 4.59 -17.03 -2.15
N LEU B 57 3.62 -17.13 -1.24
CA LEU B 57 3.79 -16.71 0.14
C LEU B 57 3.39 -17.82 1.08
N ARG B 58 4.04 -17.85 2.24
CA ARG B 58 3.70 -18.76 3.32
C ARG B 58 2.88 -18.01 4.37
N SER B 59 1.85 -18.69 4.89
CA SER B 59 1.07 -18.17 6.02
C SER B 59 0.93 -19.34 6.99
N GLY B 60 1.75 -19.35 8.04
CA GLY B 60 1.77 -20.51 8.89
C GLY B 60 2.29 -21.69 8.11
N GLU B 61 1.57 -22.80 8.18
CA GLU B 61 1.89 -24.00 7.42
C GLU B 61 1.14 -24.07 6.10
N GLY B 62 0.45 -22.99 5.72
CA GLY B 62 -0.29 -22.94 4.48
C GLY B 62 0.42 -22.10 3.44
N ARG B 63 0.00 -22.25 2.19
CA ARG B 63 0.58 -21.54 1.07
C ARG B 63 -0.45 -20.67 0.38
N LEU B 64 -0.04 -19.46 0.02
CA LEU B 64 -0.85 -18.52 -0.74
C LEU B 64 -0.25 -18.39 -2.13
N ASP B 65 -1.01 -18.74 -3.13
CA ASP B 65 -0.49 -18.63 -4.49
C ASP B 65 -1.00 -17.39 -5.17
N PRO B 66 -0.19 -16.76 -6.01
CA PRO B 66 -0.66 -15.57 -6.74
C PRO B 66 -1.84 -15.91 -7.62
N TYR B 67 -2.74 -14.93 -7.76
CA TYR B 67 -3.94 -15.09 -8.57
C TYR B 67 -4.03 -14.05 -9.68
N TRP B 68 -3.74 -12.81 -9.38
CA TRP B 68 -3.78 -11.74 -10.36
C TRP B 68 -2.63 -10.81 -10.04
N GLY B 69 -2.04 -10.22 -11.08
CA GLY B 69 -1.11 -9.13 -10.80
C GLY B 69 -0.78 -8.36 -12.06
N ASP B 70 -0.19 -7.18 -11.84
CA ASP B 70 0.10 -6.26 -12.95
C ASP B 70 1.23 -5.33 -12.55
N VAL B 71 2.36 -5.42 -13.24
CA VAL B 71 3.54 -4.62 -12.91
C VAL B 71 3.26 -3.13 -13.06
N LYS B 72 2.46 -2.74 -14.06
CA LYS B 72 2.28 -1.30 -14.29
C LYS B 72 1.45 -0.68 -13.17
N GLN B 73 0.40 -1.37 -12.74
CA GLN B 73 -0.36 -0.92 -11.58
C GLN B 73 0.40 -1.10 -10.28
N ASP B 74 1.40 -1.97 -10.31
CA ASP B 74 2.20 -2.37 -9.16
C ASP B 74 1.35 -3.02 -8.07
N LEU B 75 0.48 -3.96 -8.46
CA LEU B 75 -0.40 -4.65 -7.53
C LEU B 75 -0.40 -6.16 -7.81
N VAL B 76 -0.73 -6.93 -6.77
CA VAL B 76 -0.87 -8.38 -6.86
C VAL B 76 -1.88 -8.84 -5.82
N SER B 77 -2.67 -9.83 -6.16
CA SER B 77 -3.57 -10.48 -5.23
C SER B 77 -3.27 -11.98 -5.19
N TYR B 78 -3.57 -12.57 -4.03
CA TYR B 78 -3.33 -13.98 -3.74
C TYR B 78 -4.65 -14.63 -3.32
N CYS B 79 -4.91 -15.84 -3.80
CA CYS B 79 -6.02 -16.71 -3.44
C CYS B 79 -7.33 -16.31 -4.10
N GLY B 80 -7.39 -15.16 -4.77
CA GLY B 80 -8.58 -14.78 -5.49
C GLY B 80 -8.37 -13.41 -6.09
N PRO B 81 -9.40 -12.91 -6.76
CA PRO B 81 -9.26 -11.62 -7.45
C PRO B 81 -9.24 -10.47 -6.48
N TRP B 82 -8.71 -9.34 -6.98
CA TRP B 82 -8.62 -8.10 -6.22
C TRP B 82 -10.01 -7.72 -5.70
N LYS B 83 -10.10 -7.50 -4.38
CA LYS B 83 -11.38 -7.24 -3.72
C LYS B 83 -11.60 -5.80 -3.30
N LEU B 84 -10.57 -4.98 -3.28
CA LEU B 84 -10.66 -3.64 -2.68
C LEU B 84 -11.13 -2.66 -3.76
N ASP B 85 -12.25 -2.00 -3.51
CA ASP B 85 -12.83 -1.15 -4.53
C ASP B 85 -13.23 0.23 -4.05
N ALA B 86 -13.01 0.57 -2.79
CA ALA B 86 -13.27 1.92 -2.32
C ALA B 86 -12.27 2.90 -2.94
N ALA B 87 -12.71 4.15 -3.11
CA ALA B 87 -11.93 5.20 -3.75
C ALA B 87 -11.94 6.45 -2.90
N TRP B 88 -10.80 7.16 -2.90
CA TRP B 88 -10.78 8.49 -2.28
C TRP B 88 -11.86 9.38 -2.87
N ASP B 89 -12.56 10.13 -1.99
CA ASP B 89 -13.60 11.04 -2.46
C ASP B 89 -13.05 12.34 -3.01
N GLY B 90 -11.73 12.55 -2.98
CA GLY B 90 -11.14 13.77 -3.50
C GLY B 90 -11.25 14.99 -2.60
N LEU B 91 -11.82 14.86 -1.40
CA LEU B 91 -12.14 16.02 -0.59
C LEU B 91 -11.72 15.87 0.87
N SER B 92 -11.81 14.63 1.38
CA SER B 92 -11.70 14.35 2.81
C SER B 92 -10.33 13.81 3.19
N GLU B 93 -10.00 14.00 4.47
CA GLU B 93 -8.77 13.40 4.98
C GLU B 93 -8.90 11.87 5.02
N VAL B 94 -7.75 11.22 4.93
CA VAL B 94 -7.62 9.78 4.96
C VAL B 94 -6.64 9.40 6.05
N GLN B 95 -6.47 8.10 6.27
CA GLN B 95 -5.49 7.61 7.22
C GLN B 95 -4.63 6.55 6.56
N LEU B 96 -3.33 6.74 6.64
CA LEU B 96 -2.38 5.67 6.36
C LEU B 96 -2.24 4.79 7.60
N LEU B 97 -2.48 3.49 7.44
CA LEU B 97 -2.24 2.52 8.52
C LEU B 97 -0.84 1.97 8.24
N ALA B 98 0.16 2.73 8.71
CA ALA B 98 1.55 2.40 8.47
C ALA B 98 1.96 1.23 9.36
N VAL B 99 2.53 0.21 8.76
CA VAL B 99 3.11 -0.91 9.50
C VAL B 99 4.60 -0.93 9.18
N PRO B 100 5.41 -0.13 9.86
CA PRO B 100 6.83 -0.03 9.50
C PRO B 100 7.62 -1.22 9.99
N PRO B 101 8.75 -1.52 9.37
CA PRO B 101 9.57 -2.65 9.84
C PRO B 101 9.94 -2.53 11.30
N GLY B 102 9.61 -3.57 12.07
CA GLY B 102 10.01 -3.65 13.47
C GLY B 102 9.20 -2.81 14.43
N GLU B 103 8.14 -2.16 13.94
CA GLU B 103 7.38 -1.19 14.71
C GLU B 103 5.88 -1.49 14.69
N ARG B 104 5.19 -1.05 15.74
CA ARG B 104 3.76 -1.28 15.83
C ARG B 104 3.02 -0.52 14.73
N ALA B 105 1.89 -1.10 14.30
CA ALA B 105 1.01 -0.41 13.37
C ALA B 105 0.57 0.92 13.95
N LYS B 106 0.56 1.96 13.13
CA LYS B 106 0.06 3.25 13.60
C LYS B 106 -0.66 3.99 12.49
N ASN B 107 -1.77 4.63 12.86
CA ASN B 107 -2.58 5.41 11.95
C ASN B 107 -2.08 6.84 11.87
N ILE B 108 -1.93 7.35 10.64
CA ILE B 108 -1.51 8.72 10.38
C ILE B 108 -2.55 9.35 9.47
N GLN B 109 -3.12 10.48 9.91
CA GLN B 109 -4.18 11.15 9.16
C GLN B 109 -3.58 12.26 8.30
N THR B 110 -4.10 12.41 7.09
CA THR B 110 -3.55 13.40 6.17
C THR B 110 -4.61 13.76 5.13
N LEU B 111 -4.51 14.97 4.58
CA LEU B 111 -5.29 15.32 3.38
C LEU B 111 -4.44 14.99 2.16
N PRO B 112 -4.85 14.05 1.31
CA PRO B 112 -4.04 13.74 0.13
C PRO B 112 -3.91 14.94 -0.79
N GLY B 113 -2.78 14.98 -1.49
CA GLY B 113 -2.65 15.74 -2.71
C GLY B 113 -3.09 14.89 -3.89
N ILE B 114 -2.62 15.29 -5.09
CA ILE B 114 -3.09 14.71 -6.35
C ILE B 114 -1.91 14.49 -7.29
N PHE B 115 -1.81 13.27 -7.85
CA PHE B 115 -0.97 13.00 -9.02
C PHE B 115 -1.82 13.23 -10.26
N LYS B 116 -1.41 14.16 -11.13
CA LYS B 116 -2.10 14.45 -12.37
C LYS B 116 -1.35 13.72 -13.48
N THR B 117 -2.04 12.83 -14.19
CA THR B 117 -1.43 12.09 -15.28
C THR B 117 -2.25 12.28 -16.55
N LYS B 118 -1.63 11.93 -17.67
CA LYS B 118 -2.31 11.98 -18.96
C LYS B 118 -3.57 11.10 -18.98
N ASP B 119 -3.69 10.17 -18.04
CA ASP B 119 -4.82 9.26 -17.95
C ASP B 119 -5.71 9.54 -16.75
N GLY B 120 -5.64 10.74 -16.19
CA GLY B 120 -6.50 11.15 -15.09
C GLY B 120 -5.72 11.31 -13.80
N ASP B 121 -6.47 11.70 -12.78
CA ASP B 121 -5.93 12.09 -11.48
C ASP B 121 -5.98 10.92 -10.50
N ILE B 122 -4.95 10.85 -9.63
CA ILE B 122 -4.83 9.85 -8.56
C ILE B 122 -4.57 10.62 -7.26
N GLY B 123 -5.17 10.17 -6.16
CA GLY B 123 -4.79 10.74 -4.86
C GLY B 123 -3.38 10.35 -4.50
N ALA B 124 -2.73 11.17 -3.68
CA ALA B 124 -1.36 10.92 -3.26
C ALA B 124 -1.15 11.39 -1.83
N VAL B 125 -0.37 10.64 -1.05
CA VAL B 125 -0.13 11.00 0.34
C VAL B 125 1.34 11.34 0.54
N ALA B 126 1.57 12.51 1.10
CA ALA B 126 2.91 13.07 1.33
C ALA B 126 3.42 12.63 2.70
N LEU B 127 3.67 11.32 2.79
CA LEU B 127 4.14 10.68 4.02
C LEU B 127 5.30 9.76 3.64
N ASP B 128 6.41 9.83 4.40
CA ASP B 128 7.65 9.13 4.06
C ASP B 128 7.95 8.10 5.14
N TYR B 129 7.80 6.81 4.77
CA TYR B 129 8.14 5.67 5.59
C TYR B 129 9.13 4.78 4.86
N PRO B 130 9.84 3.90 5.60
CA PRO B 130 10.79 3.01 4.94
C PRO B 130 10.13 2.14 3.88
N ALA B 131 10.94 1.75 2.90
CA ALA B 131 10.47 0.95 1.75
C ALA B 131 9.69 -0.29 2.18
N GLY B 132 10.09 -0.94 3.28
CA GLY B 132 9.39 -2.10 3.82
C GLY B 132 7.99 -1.84 4.31
N THR B 133 7.56 -0.58 4.33
CA THR B 133 6.19 -0.22 4.68
C THR B 133 5.27 -0.32 3.47
N SER B 134 5.83 -0.55 2.28
CA SER B 134 5.05 -0.68 1.06
C SER B 134 3.98 -1.74 1.22
N GLY B 135 2.76 -1.42 0.77
CA GLY B 135 1.60 -2.28 0.89
C GLY B 135 0.68 -1.90 2.03
N SER B 136 1.13 -0.97 2.87
CA SER B 136 0.28 -0.52 3.98
C SER B 136 -0.99 0.12 3.42
N PRO B 137 -2.15 -0.13 4.04
CA PRO B 137 -3.38 0.40 3.46
C PRO B 137 -3.62 1.84 3.84
N ILE B 138 -4.28 2.54 2.93
CA ILE B 138 -4.81 3.89 3.14
C ILE B 138 -6.33 3.73 3.22
N LEU B 139 -6.91 4.37 4.24
CA LEU B 139 -8.28 4.18 4.65
C LEU B 139 -9.10 5.46 4.54
N ASP B 140 -10.38 5.30 4.20
CA ASP B 140 -11.33 6.40 4.34
C ASP B 140 -11.98 6.37 5.72
N LYS B 141 -12.85 7.34 5.99
CA LYS B 141 -13.39 7.48 7.34
C LYS B 141 -14.27 6.29 7.75
N SER B 142 -14.74 5.51 6.78
CA SER B 142 -15.50 4.31 7.04
C SER B 142 -14.63 3.09 7.29
N GLY B 143 -13.31 3.25 7.27
CA GLY B 143 -12.42 2.14 7.45
C GLY B 143 -12.20 1.31 6.22
N ARG B 144 -12.71 1.76 5.07
CA ARG B 144 -12.53 1.00 3.83
C ARG B 144 -11.16 1.31 3.25
N VAL B 145 -10.53 0.31 2.64
CA VAL B 145 -9.20 0.50 2.05
C VAL B 145 -9.37 1.13 0.67
N ILE B 146 -8.86 2.36 0.51
CA ILE B 146 -8.97 3.11 -0.74
C ILE B 146 -7.73 2.95 -1.61
N GLY B 147 -6.72 2.24 -1.13
CA GLY B 147 -5.52 1.96 -1.90
C GLY B 147 -4.40 1.57 -0.98
N LEU B 148 -3.27 1.28 -1.60
CA LEU B 148 -2.08 0.82 -0.90
C LEU B 148 -0.95 1.82 -1.09
N TYR B 149 -0.08 1.90 -0.08
CA TYR B 149 1.00 2.88 -0.01
C TYR B 149 2.30 2.26 -0.52
N GLY B 150 3.08 3.03 -1.28
CA GLY B 150 4.42 2.57 -1.60
C GLY B 150 4.89 2.64 -3.03
N ASN B 151 4.06 3.16 -3.94
CA ASN B 151 4.50 3.45 -5.30
C ASN B 151 4.36 4.95 -5.52
N GLY B 152 5.48 5.63 -5.67
CA GLY B 152 5.45 7.06 -5.63
C GLY B 152 6.65 7.69 -6.30
N VAL B 153 6.95 8.93 -5.89
CA VAL B 153 7.94 9.74 -6.56
C VAL B 153 8.60 10.63 -5.53
N VAL B 154 9.80 11.09 -5.85
CA VAL B 154 10.51 12.06 -5.01
C VAL B 154 10.40 13.42 -5.68
N ILE B 155 9.92 14.41 -4.93
CA ILE B 155 9.61 15.71 -5.52
C ILE B 155 10.79 16.65 -5.37
N LYS B 156 10.66 17.87 -5.89
CA LYS B 156 11.82 18.75 -6.08
C LYS B 156 12.63 18.91 -4.80
N ASN B 157 11.97 19.04 -3.65
CA ASN B 157 12.68 19.26 -2.40
C ASN B 157 13.25 17.98 -1.79
N GLY B 158 13.16 16.85 -2.47
CA GLY B 158 13.75 15.61 -2.00
C GLY B 158 12.83 14.71 -1.20
N SER B 159 11.62 15.15 -0.85
CA SER B 159 10.73 14.32 -0.04
C SER B 159 9.90 13.36 -0.91
N TYR B 160 9.34 12.34 -0.26
CA TYR B 160 8.66 11.25 -0.93
C TYR B 160 7.13 11.40 -0.86
N VAL B 161 6.46 11.19 -1.99
CA VAL B 161 5.01 11.23 -2.07
C VAL B 161 4.55 9.92 -2.71
N SER B 162 3.64 9.22 -2.05
CA SER B 162 3.11 7.96 -2.53
C SER B 162 1.78 8.16 -3.24
N ALA B 163 1.59 7.49 -4.38
CA ALA B 163 0.24 7.38 -4.93
C ALA B 163 -0.65 6.62 -3.93
N ILE B 164 -1.95 6.89 -3.97
CA ILE B 164 -2.94 5.98 -3.38
C ILE B 164 -3.29 4.99 -4.50
N THR B 165 -2.70 3.80 -4.45
CA THR B 165 -2.79 2.85 -5.55
C THR B 165 -3.92 1.88 -5.27
N GLN B 166 -4.95 1.89 -6.10
CA GLN B 166 -6.10 1.01 -5.98
C GLN B 166 -6.26 0.17 -7.24
N GLY B 167 -6.69 -1.08 -7.06
CA GLY B 167 -6.93 -1.98 -8.17
C GLY B 167 -8.35 -1.87 -8.69
N LYS B 168 -8.73 -2.84 -9.52
CA LYS B 168 -10.07 -2.96 -10.06
C LYS B 168 -10.71 -4.22 -9.47
N ARG B 169 -11.96 -4.12 -9.03
CA ARG B 169 -12.75 -5.28 -8.60
C ARG B 169 -13.80 -5.62 -9.66
#